data_4ESX
#
_entry.id   4ESX
#
_cell.length_a   55.157
_cell.length_b   100.458
_cell.length_c   126.198
_cell.angle_alpha   90.000
_cell.angle_beta   90.000
_cell.angle_gamma   90.000
#
_symmetry.space_group_name_H-M   'P 21 21 21'
#
loop_
_entity.id
_entity.type
_entity.pdbx_description
1 polymer 'Pyrimidine biosynthesis enzyme THI13'
2 water water
#
_entity_poly.entity_id   1
_entity_poly.type   'polypeptide(L)'
_entity_poly.pdbx_seq_one_letter_code
;GSHMSTNKITFLLNWEAAPYHIPVYLANIKGYFKDENLDIAILEPSNPSDVTELVGSGKVDMGL(LLP)AMVHTLAAKAR
GFPVTSIGSLLDEPFTGICYLEGSGITSDFQSLKGKRIGYVGEFGKIQVDELTKHYGMTPDDYVAVRCGMNVAKYILEGT
IDCGIGIECIQQVELEEALKEQGKDSNDAKMLRIDKLAELGCCCFCTILYIANDKFIAENPQAVKKFLKAIKRATDYMLA
HPREAWAEYGNFKPTMQTDLNTKKFQRCYAYFSESLYNVHRDWRKVNNYGKRLDILPENYVPNYTNEYLSWPEPKEVDDP
EKAQDLMLKHQEECKTCGGYKRLVLA
;
_entity_poly.pdbx_strand_id   A,B
#
# COMPACT_ATOMS: atom_id res chain seq x y z
N GLY A 1 -25.98 20.08 9.47
CA GLY A 1 -25.03 19.17 10.11
C GLY A 1 -23.61 19.40 9.61
N SER A 2 -22.64 18.80 10.30
CA SER A 2 -21.24 19.00 9.92
C SER A 2 -20.62 17.84 9.13
N HIS A 3 -21.22 16.64 9.20
CA HIS A 3 -20.67 15.49 8.47
C HIS A 3 -20.66 15.75 6.96
N MET A 4 -19.46 15.87 6.39
CA MET A 4 -19.33 16.12 4.96
C MET A 4 -19.10 14.82 4.19
N SER A 5 -19.48 14.82 2.92
CA SER A 5 -19.28 13.66 2.05
C SER A 5 -17.92 13.75 1.37
N THR A 6 -17.46 12.64 0.81
CA THR A 6 -16.22 12.67 0.05
C THR A 6 -16.47 12.42 -1.44
N ASN A 7 -15.63 13.01 -2.29
CA ASN A 7 -15.69 12.77 -3.73
C ASN A 7 -14.69 11.70 -4.11
N LYS A 8 -13.89 11.28 -3.14
CA LYS A 8 -12.82 10.33 -3.41
C LYS A 8 -13.39 8.97 -3.79
N ILE A 9 -12.81 8.39 -4.83
CA ILE A 9 -13.15 7.05 -5.27
C ILE A 9 -11.95 6.17 -4.94
N THR A 10 -12.19 5.10 -4.17
CA THR A 10 -11.08 4.23 -3.78
C THR A 10 -10.75 3.22 -4.85
N PHE A 11 -9.47 3.13 -5.19
CA PHE A 11 -9.02 2.15 -6.17
C PHE A 11 -7.93 1.27 -5.54
N LEU A 12 -8.20 -0.02 -5.44
CA LEU A 12 -7.30 -0.93 -4.73
C LEU A 12 -6.53 -1.83 -5.68
N LEU A 13 -5.21 -1.71 -5.70
CA LEU A 13 -4.36 -2.59 -6.51
C LEU A 13 -4.53 -4.08 -6.14
N ASN A 14 -4.17 -4.97 -7.06
CA ASN A 14 -4.21 -6.40 -6.83
C ASN A 14 -2.99 -6.89 -6.04
N TRP A 15 -2.03 -5.99 -5.78
CA TRP A 15 -0.70 -6.38 -5.34
C TRP A 15 0.00 -5.14 -4.81
N GLU A 16 1.09 -5.31 -4.06
CA GLU A 16 1.89 -4.15 -3.69
C GLU A 16 2.33 -3.46 -4.98
N ALA A 17 2.68 -2.17 -4.90
CA ALA A 17 2.97 -1.40 -6.10
C ALA A 17 4.07 -2.06 -6.91
N ALA A 18 3.81 -2.22 -8.20
CA ALA A 18 4.69 -3.01 -9.04
C ALA A 18 4.74 -2.32 -10.41
N PRO A 19 5.69 -2.72 -11.29
CA PRO A 19 5.85 -2.02 -12.58
C PRO A 19 4.60 -1.96 -13.45
N TYR A 20 3.83 -3.04 -13.55
CA TYR A 20 2.64 -3.00 -14.41
C TYR A 20 1.50 -2.07 -13.93
N HIS A 21 1.64 -1.49 -12.74
CA HIS A 21 0.63 -0.58 -12.23
C HIS A 21 0.82 0.83 -12.75
N ILE A 22 1.84 1.03 -13.58
CA ILE A 22 2.15 2.37 -14.09
C ILE A 22 0.98 3.19 -14.67
N PRO A 23 0.05 2.56 -15.44
CA PRO A 23 -1.01 3.42 -16.02
C PRO A 23 -1.92 4.06 -14.98
N VAL A 24 -2.15 3.36 -13.86
CA VAL A 24 -2.96 3.89 -12.78
C VAL A 24 -2.28 5.09 -12.12
N TYR A 25 -1.02 4.91 -11.73
CA TYR A 25 -0.28 5.97 -11.06
C TYR A 25 -0.01 7.13 -12.00
N LEU A 26 0.29 6.81 -13.25
CA LEU A 26 0.65 7.84 -14.22
C LEU A 26 -0.56 8.74 -14.50
N ALA A 27 -1.74 8.14 -14.52
CA ALA A 27 -2.96 8.91 -14.79
C ALA A 27 -3.16 9.93 -13.69
N ASN A 28 -2.75 9.55 -12.49
CA ASN A 28 -2.85 10.45 -11.36
C ASN A 28 -1.76 11.52 -11.39
N ILE A 29 -0.52 11.08 -11.60
CA ILE A 29 0.65 11.97 -11.63
C ILE A 29 0.56 13.04 -12.72
N LYS A 30 0.15 12.65 -13.91
CA LYS A 30 0.10 13.60 -15.03
C LYS A 30 -1.19 14.42 -15.02
N GLY A 31 -2.02 14.21 -14.00
CA GLY A 31 -3.26 14.95 -13.82
C GLY A 31 -4.42 14.53 -14.71
N TYR A 32 -4.38 13.32 -15.24
CA TYR A 32 -5.45 12.85 -16.13
C TYR A 32 -6.79 12.61 -15.41
N PHE A 33 -6.72 12.18 -14.16
CA PHE A 33 -7.93 12.00 -13.34
C PHE A 33 -8.52 13.36 -13.02
N LYS A 34 -7.65 14.29 -12.61
CA LYS A 34 -8.10 15.64 -12.27
C LYS A 34 -8.74 16.33 -13.49
N ASP A 35 -8.15 16.14 -14.67
CA ASP A 35 -8.75 16.61 -15.92
C ASP A 35 -10.15 16.04 -16.16
N GLU A 36 -10.43 14.88 -15.58
CA GLU A 36 -11.75 14.26 -15.71
C GLU A 36 -12.62 14.57 -14.51
N ASN A 37 -12.16 15.50 -13.67
CA ASN A 37 -12.82 15.81 -12.41
C ASN A 37 -13.04 14.58 -11.52
N LEU A 38 -12.03 13.71 -11.51
CA LEU A 38 -12.04 12.54 -10.65
C LEU A 38 -10.95 12.67 -9.58
N ASP A 39 -11.31 12.39 -8.33
CA ASP A 39 -10.31 12.27 -7.28
C ASP A 39 -10.21 10.79 -6.92
N ILE A 40 -9.16 10.14 -7.43
CA ILE A 40 -8.96 8.70 -7.21
C ILE A 40 -7.99 8.48 -6.05
N ALA A 41 -8.46 7.75 -5.04
CA ALA A 41 -7.61 7.39 -3.91
C ALA A 41 -7.04 5.99 -4.13
N ILE A 42 -5.80 5.94 -4.60
CA ILE A 42 -5.13 4.68 -4.90
C ILE A 42 -4.63 4.02 -3.62
N LEU A 43 -5.10 2.81 -3.37
CA LEU A 43 -4.75 2.04 -2.18
C LEU A 43 -4.02 0.75 -2.56
N GLU A 44 -3.10 0.32 -1.69
CA GLU A 44 -2.29 -0.88 -1.94
C GLU A 44 -2.51 -1.92 -0.86
N PRO A 45 -2.83 -3.15 -1.25
CA PRO A 45 -3.13 -4.21 -0.30
C PRO A 45 -1.85 -4.76 0.30
N SER A 46 -1.90 -5.09 1.58
CA SER A 46 -0.81 -5.83 2.20
C SER A 46 -1.00 -7.32 1.92
N ASN A 47 -2.25 -7.69 1.63
CA ASN A 47 -2.59 -9.07 1.32
C ASN A 47 -3.52 -9.11 0.12
N PRO A 48 -3.03 -9.64 -1.02
CA PRO A 48 -3.83 -9.70 -2.26
C PRO A 48 -5.15 -10.45 -2.09
N SER A 49 -5.22 -11.36 -1.13
CA SER A 49 -6.43 -12.14 -0.93
C SER A 49 -7.54 -11.31 -0.28
N ASP A 50 -7.20 -10.11 0.17
CA ASP A 50 -8.20 -9.21 0.74
C ASP A 50 -9.02 -8.53 -0.36
N VAL A 51 -8.45 -8.41 -1.56
CA VAL A 51 -8.97 -7.45 -2.55
C VAL A 51 -10.40 -7.69 -3.09
N THR A 52 -10.68 -8.87 -3.63
CA THR A 52 -12.01 -9.08 -4.24
C THR A 52 -13.15 -9.01 -3.24
N GLU A 53 -12.92 -9.43 -2.00
CA GLU A 53 -13.97 -9.29 -0.99
C GLU A 53 -14.24 -7.84 -0.66
N LEU A 54 -13.18 -7.03 -0.62
CA LEU A 54 -13.32 -5.61 -0.34
C LEU A 54 -14.05 -4.88 -1.46
N VAL A 55 -13.69 -5.16 -2.71
CA VAL A 55 -14.40 -4.56 -3.82
C VAL A 55 -15.81 -5.14 -3.94
N GLY A 56 -15.93 -6.46 -3.87
CA GLY A 56 -17.21 -7.14 -4.01
C GLY A 56 -18.27 -6.73 -3.01
N SER A 57 -17.85 -6.59 -1.75
CA SER A 57 -18.76 -6.16 -0.69
C SER A 57 -19.14 -4.69 -0.79
N GLY A 58 -18.43 -3.93 -1.61
CA GLY A 58 -18.71 -2.51 -1.73
C GLY A 58 -17.91 -1.66 -0.75
N LYS A 59 -17.06 -2.29 0.06
CA LYS A 59 -16.22 -1.55 0.98
C LYS A 59 -15.19 -0.71 0.22
N VAL A 60 -14.82 -1.19 -0.96
CA VAL A 60 -13.91 -0.49 -1.84
C VAL A 60 -14.58 -0.37 -3.21
N ASP A 61 -14.41 0.76 -3.90
CA ASP A 61 -15.15 1.04 -5.13
C ASP A 61 -14.66 0.29 -6.34
N MET A 62 -13.36 0.37 -6.61
CA MET A 62 -12.78 -0.26 -7.78
C MET A 62 -11.41 -0.82 -7.45
N GLY A 63 -10.83 -1.52 -8.39
CA GLY A 63 -9.50 -2.06 -8.20
C GLY A 63 -9.00 -2.92 -9.34
N LEU A 64 -8.04 -3.80 -9.03
CA LEU A 64 -7.50 -4.75 -9.99
C LEU A 64 -7.53 -6.16 -9.42
N ALA A 66 -6.85 -10.59 -11.15
CA ALA A 66 -6.74 -11.43 -12.33
C ALA A 66 -8.09 -12.04 -12.66
N MET A 67 -8.22 -12.58 -13.87
CA MET A 67 -9.49 -13.13 -14.35
C MET A 67 -10.10 -14.19 -13.43
N VAL A 68 -9.33 -15.24 -13.14
CA VAL A 68 -9.78 -16.31 -12.25
C VAL A 68 -10.39 -15.77 -10.94
N HIS A 69 -9.67 -14.87 -10.29
CA HIS A 69 -10.13 -14.28 -9.04
C HIS A 69 -11.40 -13.48 -9.26
N THR A 70 -11.48 -12.80 -10.40
CA THR A 70 -12.63 -11.96 -10.70
C THR A 70 -13.89 -12.81 -10.92
N LEU A 71 -13.78 -13.84 -11.75
CA LEU A 71 -14.87 -14.81 -11.93
C LEU A 71 -15.28 -15.40 -10.59
N ALA A 72 -14.29 -15.82 -9.81
CA ALA A 72 -14.56 -16.52 -8.55
C ALA A 72 -15.27 -15.62 -7.53
N ALA A 73 -14.84 -14.36 -7.45
CA ALA A 73 -15.43 -13.39 -6.54
C ALA A 73 -16.95 -13.32 -6.67
N LYS A 74 -17.43 -13.11 -7.89
CA LYS A 74 -18.87 -12.97 -8.09
C LYS A 74 -19.58 -14.33 -7.93
N ALA A 75 -18.90 -15.42 -8.31
CA ALA A 75 -19.45 -16.75 -8.07
C ALA A 75 -19.67 -17.01 -6.60
N ARG A 76 -18.87 -16.36 -5.76
CA ARG A 76 -18.97 -16.53 -4.31
C ARG A 76 -19.87 -15.48 -3.63
N GLY A 77 -20.55 -14.66 -4.43
CA GLY A 77 -21.49 -13.69 -3.86
C GLY A 77 -20.86 -12.32 -3.58
N PHE A 78 -19.65 -12.09 -4.09
CA PHE A 78 -19.05 -10.75 -4.04
C PHE A 78 -19.02 -10.16 -5.44
N PRO A 79 -20.08 -9.42 -5.80
CA PRO A 79 -20.38 -8.98 -7.17
C PRO A 79 -19.43 -7.89 -7.67
N VAL A 80 -18.46 -8.30 -8.47
CA VAL A 80 -17.59 -7.37 -9.18
C VAL A 80 -17.71 -7.68 -10.66
N THR A 81 -17.32 -6.72 -11.48
CA THR A 81 -17.31 -6.87 -12.92
C THR A 81 -16.00 -6.33 -13.47
N SER A 82 -15.37 -7.06 -14.37
CA SER A 82 -14.25 -6.52 -15.10
C SER A 82 -14.77 -5.45 -16.07
N ILE A 83 -14.19 -4.26 -16.01
CA ILE A 83 -14.56 -3.16 -16.90
C ILE A 83 -13.45 -2.83 -17.90
N GLY A 84 -12.39 -3.62 -17.89
CA GLY A 84 -11.31 -3.40 -18.84
C GLY A 84 -10.11 -4.24 -18.48
N SER A 85 -9.13 -4.30 -19.36
CA SER A 85 -7.98 -5.16 -19.16
C SER A 85 -6.70 -4.33 -19.03
N LEU A 86 -5.84 -4.73 -18.09
CA LEU A 86 -4.57 -4.04 -17.84
C LEU A 86 -3.40 -4.83 -18.40
N LEU A 87 -3.24 -6.06 -17.93
CA LEU A 87 -2.12 -6.89 -18.34
C LEU A 87 -2.61 -8.19 -18.96
N ASP A 88 -2.44 -8.30 -20.28
CA ASP A 88 -2.98 -9.42 -21.06
C ASP A 88 -2.12 -10.69 -21.01
N GLU A 89 -2.71 -11.77 -20.53
CA GLU A 89 -2.14 -13.11 -20.64
C GLU A 89 -0.65 -13.23 -20.30
N PRO A 90 -0.24 -12.69 -19.14
CA PRO A 90 1.20 -12.81 -18.85
C PRO A 90 1.57 -14.25 -18.50
N PHE A 91 2.70 -14.75 -19.02
CA PHE A 91 3.11 -16.15 -18.74
C PHE A 91 3.19 -16.47 -17.25
N THR A 92 2.39 -17.46 -16.85
CA THR A 92 2.24 -17.82 -15.46
C THR A 92 2.58 -19.31 -15.30
N GLY A 93 3.33 -19.62 -14.24
CA GLY A 93 3.74 -21.00 -14.04
C GLY A 93 4.43 -21.28 -12.72
N ILE A 94 4.84 -22.53 -12.54
CA ILE A 94 5.52 -22.94 -11.33
C ILE A 94 7.00 -22.66 -11.53
N CYS A 95 7.49 -21.62 -10.88
CA CYS A 95 8.88 -21.21 -11.04
C CYS A 95 9.79 -22.07 -10.18
N TYR A 96 10.95 -22.41 -10.73
CA TYR A 96 11.95 -23.16 -9.98
C TYR A 96 13.34 -22.81 -10.50
N LEU A 97 14.36 -23.30 -9.80
CA LEU A 97 15.75 -23.11 -10.21
C LEU A 97 16.35 -24.43 -10.67
N GLU A 98 16.96 -24.40 -11.84
CA GLU A 98 17.68 -25.56 -12.37
C GLU A 98 18.65 -26.12 -11.34
N GLY A 99 18.67 -27.44 -11.22
CA GLY A 99 19.57 -28.12 -10.30
C GLY A 99 18.94 -28.57 -8.99
N SER A 100 17.69 -28.20 -8.75
CA SER A 100 17.01 -28.54 -7.50
C SER A 100 16.15 -29.80 -7.61
N GLY A 101 16.32 -30.54 -8.70
CA GLY A 101 15.59 -31.79 -8.89
C GLY A 101 14.27 -31.61 -9.62
N ILE A 102 13.85 -30.37 -9.78
CA ILE A 102 12.63 -30.07 -10.54
C ILE A 102 12.99 -29.95 -12.01
N THR A 103 12.12 -30.50 -12.86
CA THR A 103 12.34 -30.51 -14.30
C THR A 103 11.04 -30.13 -15.00
N SER A 104 11.06 -30.13 -16.34
CA SER A 104 9.88 -29.86 -17.13
C SER A 104 8.75 -30.88 -16.90
N ASP A 105 9.11 -32.01 -16.30
CA ASP A 105 8.16 -33.07 -15.97
C ASP A 105 7.42 -32.71 -14.69
N PHE A 106 6.09 -32.61 -14.78
CA PHE A 106 5.26 -32.39 -13.60
C PHE A 106 5.54 -33.38 -12.45
N GLN A 107 5.89 -34.62 -12.79
CA GLN A 107 6.13 -35.64 -11.76
C GLN A 107 7.36 -35.40 -10.88
N SER A 108 8.25 -34.53 -11.32
CA SER A 108 9.40 -34.14 -10.50
C SER A 108 8.95 -33.27 -9.32
N LEU A 109 7.67 -32.88 -9.33
CA LEU A 109 7.15 -32.07 -8.23
C LEU A 109 6.74 -32.90 -7.01
N LYS A 110 6.76 -34.22 -7.15
CA LYS A 110 6.42 -35.14 -6.06
C LYS A 110 7.20 -34.84 -4.77
N GLY A 111 6.46 -34.67 -3.67
CA GLY A 111 7.02 -34.43 -2.36
C GLY A 111 7.65 -33.06 -2.17
N LYS A 112 7.52 -32.18 -3.17
CA LYS A 112 8.14 -30.85 -3.09
C LYS A 112 7.23 -29.85 -2.37
N ARG A 113 7.86 -28.84 -1.77
CA ARG A 113 7.17 -27.68 -1.23
C ARG A 113 6.94 -26.64 -2.33
N ILE A 114 5.67 -26.45 -2.68
CA ILE A 114 5.27 -25.58 -3.77
C ILE A 114 4.58 -24.35 -3.21
N GLY A 115 5.22 -23.19 -3.36
CA GLY A 115 4.65 -21.95 -2.89
C GLY A 115 3.50 -21.45 -3.75
N TYR A 116 2.47 -20.92 -3.12
CA TYR A 116 1.40 -20.24 -3.86
C TYR A 116 1.09 -18.93 -3.14
N VAL A 117 0.39 -18.04 -3.82
CA VAL A 117 0.16 -16.71 -3.28
C VAL A 117 -0.91 -16.69 -2.19
N GLY A 118 -2.14 -17.01 -2.57
CA GLY A 118 -3.28 -16.74 -1.70
C GLY A 118 -4.24 -17.89 -1.47
N GLU A 119 -4.76 -18.47 -2.55
CA GLU A 119 -5.76 -19.52 -2.44
C GLU A 119 -5.94 -20.34 -3.73
N PHE A 120 -6.08 -19.64 -4.84
CA PHE A 120 -6.44 -20.29 -6.09
C PHE A 120 -5.30 -21.07 -6.72
N GLY A 121 -4.08 -20.62 -6.48
CA GLY A 121 -2.93 -21.32 -7.00
C GLY A 121 -2.86 -22.76 -6.51
N LYS A 122 -3.18 -22.96 -5.23
CA LYS A 122 -3.24 -24.30 -4.66
C LYS A 122 -4.38 -25.11 -5.30
N ILE A 123 -5.53 -24.47 -5.50
CA ILE A 123 -6.65 -25.13 -6.17
C ILE A 123 -6.20 -25.62 -7.55
N GLN A 124 -5.51 -24.76 -8.29
CA GLN A 124 -5.04 -25.09 -9.63
C GLN A 124 -4.03 -26.24 -9.60
N VAL A 125 -3.04 -26.15 -8.74
CA VAL A 125 -2.04 -27.21 -8.67
C VAL A 125 -2.69 -28.53 -8.24
N ASP A 126 -3.58 -28.48 -7.23
CA ASP A 126 -4.31 -29.68 -6.77
C ASP A 126 -5.03 -30.40 -7.92
N GLU A 127 -5.75 -29.64 -8.75
CA GLU A 127 -6.48 -30.20 -9.88
C GLU A 127 -5.53 -30.80 -10.91
N LEU A 128 -4.39 -30.14 -11.11
CA LEU A 128 -3.39 -30.65 -12.06
C LEU A 128 -2.89 -32.06 -11.73
N THR A 129 -2.74 -32.36 -10.43
CA THR A 129 -2.10 -33.61 -10.03
C THR A 129 -2.74 -34.85 -10.66
N LYS A 130 -4.07 -34.89 -10.72
CA LYS A 130 -4.75 -36.06 -11.23
C LYS A 130 -4.49 -36.31 -12.72
N HIS A 131 -4.02 -35.29 -13.44
CA HIS A 131 -3.69 -35.48 -14.85
C HIS A 131 -2.28 -36.03 -15.00
N TYR A 132 -1.54 -36.10 -13.89
CA TYR A 132 -0.15 -36.54 -13.94
C TYR A 132 0.17 -37.67 -12.96
N GLY A 133 -0.82 -38.55 -12.76
CA GLY A 133 -0.66 -39.72 -11.91
C GLY A 133 -0.36 -39.36 -10.47
N MET A 134 -0.91 -38.23 -10.01
CA MET A 134 -0.65 -37.75 -8.66
C MET A 134 -1.94 -37.28 -7.99
N THR A 135 -1.84 -36.98 -6.70
CA THR A 135 -2.98 -36.48 -5.92
C THR A 135 -2.52 -35.22 -5.21
N PRO A 136 -3.46 -34.44 -4.66
CA PRO A 136 -3.03 -33.27 -3.88
C PRO A 136 -2.16 -33.61 -2.67
N ASP A 137 -2.12 -34.87 -2.24
CA ASP A 137 -1.26 -35.24 -1.11
C ASP A 137 0.19 -35.54 -1.52
N ASP A 138 0.46 -35.50 -2.83
CA ASP A 138 1.81 -35.82 -3.34
C ASP A 138 2.74 -34.61 -3.38
N TYR A 139 2.26 -33.47 -2.89
CA TYR A 139 3.13 -32.31 -2.71
C TYR A 139 2.67 -31.51 -1.49
N VAL A 140 3.49 -30.55 -1.05
CA VAL A 140 3.15 -29.74 0.10
C VAL A 140 2.97 -28.28 -0.36
N ALA A 141 1.73 -27.80 -0.39
CA ALA A 141 1.47 -26.41 -0.81
C ALA A 141 1.72 -25.45 0.35
N VAL A 142 2.42 -24.38 0.06
CA VAL A 142 2.79 -23.42 1.10
C VAL A 142 2.30 -22.03 0.69
N ARG A 143 1.46 -21.43 1.52
CA ARG A 143 0.97 -20.07 1.27
C ARG A 143 2.04 -19.04 1.54
N CYS A 144 2.34 -18.23 0.52
CA CYS A 144 3.51 -17.35 0.56
C CYS A 144 3.22 -15.86 0.38
N GLY A 145 1.98 -15.51 0.06
CA GLY A 145 1.66 -14.14 -0.25
C GLY A 145 2.48 -13.67 -1.43
N MET A 146 2.99 -12.44 -1.34
CA MET A 146 3.71 -11.80 -2.44
C MET A 146 5.21 -12.11 -2.43
N ASN A 147 5.59 -13.13 -1.66
CA ASN A 147 7.01 -13.44 -1.48
C ASN A 147 7.45 -14.80 -2.02
N VAL A 148 6.69 -15.36 -2.96
CA VAL A 148 7.05 -16.64 -3.57
C VAL A 148 8.48 -16.71 -4.08
N ALA A 149 8.90 -15.76 -4.93
CA ALA A 149 10.24 -15.83 -5.52
C ALA A 149 11.31 -15.68 -4.44
N LYS A 150 11.06 -14.77 -3.50
CA LYS A 150 11.93 -14.60 -2.34
C LYS A 150 12.19 -15.92 -1.62
N TYR A 151 11.12 -16.66 -1.33
CA TYR A 151 11.23 -17.89 -0.55
C TYR A 151 11.84 -19.03 -1.35
N ILE A 152 11.70 -19.00 -2.67
CA ILE A 152 12.45 -19.95 -3.51
C ILE A 152 13.96 -19.70 -3.32
N LEU A 153 14.36 -18.45 -3.43
CA LEU A 153 15.75 -18.04 -3.28
C LEU A 153 16.27 -18.32 -1.87
N GLU A 154 15.41 -18.14 -0.88
CA GLU A 154 15.84 -18.40 0.49
C GLU A 154 15.74 -19.89 0.82
N GLY A 155 15.15 -20.67 -0.09
CA GLY A 155 15.14 -22.11 0.05
C GLY A 155 14.08 -22.70 0.96
N THR A 156 13.16 -21.86 1.46
CA THR A 156 12.13 -22.34 2.36
C THR A 156 10.93 -22.96 1.62
N ILE A 157 10.93 -22.83 0.30
CA ILE A 157 10.09 -23.64 -0.59
C ILE A 157 10.98 -24.07 -1.74
N ASP A 158 10.54 -25.08 -2.49
CA ASP A 158 11.37 -25.62 -3.57
C ASP A 158 11.06 -24.99 -4.92
N CYS A 159 9.87 -24.39 -5.01
CA CYS A 159 9.38 -23.78 -6.25
C CYS A 159 8.08 -23.09 -5.90
N GLY A 160 7.51 -22.35 -6.85
CA GLY A 160 6.24 -21.71 -6.60
C GLY A 160 5.63 -20.96 -7.76
N ILE A 161 4.34 -20.71 -7.64
CA ILE A 161 3.60 -20.00 -8.67
C ILE A 161 4.01 -18.55 -8.81
N GLY A 162 4.20 -18.12 -10.04
CA GLY A 162 4.51 -16.74 -10.31
C GLY A 162 4.33 -16.41 -11.78
N ILE A 163 4.39 -15.13 -12.08
CA ILE A 163 4.32 -14.63 -13.42
C ILE A 163 5.73 -14.33 -13.93
N GLU A 164 5.97 -14.59 -15.21
CA GLU A 164 7.30 -14.50 -15.82
C GLU A 164 7.94 -13.11 -15.68
N CYS A 165 7.17 -12.05 -15.90
CA CYS A 165 7.75 -10.70 -15.89
C CYS A 165 7.93 -10.10 -14.49
N ILE A 166 7.51 -10.81 -13.45
CA ILE A 166 7.77 -10.39 -12.07
C ILE A 166 8.65 -11.40 -11.34
N GLN A 167 8.05 -12.51 -10.92
CA GLN A 167 8.77 -13.55 -10.17
C GLN A 167 9.99 -14.16 -10.89
N GLN A 168 9.86 -14.46 -12.18
CA GLN A 168 10.97 -15.10 -12.88
C GLN A 168 12.13 -14.12 -13.11
N VAL A 169 11.81 -12.85 -13.31
CA VAL A 169 12.84 -11.83 -13.47
C VAL A 169 13.60 -11.70 -12.14
N GLU A 170 12.86 -11.82 -11.05
CA GLU A 170 13.42 -11.79 -9.70
C GLU A 170 14.45 -12.91 -9.50
N LEU A 171 14.10 -14.13 -9.92
CA LEU A 171 15.02 -15.25 -9.83
C LEU A 171 16.23 -15.05 -10.72
N GLU A 172 15.99 -14.57 -11.94
CA GLU A 172 17.07 -14.34 -12.88
C GLU A 172 18.10 -13.37 -12.30
N GLU A 173 17.61 -12.28 -11.71
CA GLU A 173 18.53 -11.24 -11.23
C GLU A 173 19.33 -11.72 -10.03
N ALA A 174 18.68 -12.45 -9.14
CA ALA A 174 19.33 -13.00 -7.96
C ALA A 174 20.38 -14.04 -8.35
N LEU A 175 20.08 -14.85 -9.37
CA LEU A 175 21.05 -15.79 -9.91
C LEU A 175 22.34 -15.06 -10.36
N LYS A 176 22.18 -13.95 -11.10
CA LYS A 176 23.34 -13.16 -11.50
C LYS A 176 24.07 -12.60 -10.29
N GLU A 177 23.32 -12.17 -9.29
CA GLU A 177 23.88 -11.72 -8.01
C GLU A 177 24.77 -12.81 -7.38
N GLN A 178 24.52 -14.06 -7.74
CA GLN A 178 25.22 -15.18 -7.14
C GLN A 178 26.32 -15.71 -8.05
N GLY A 179 26.42 -15.13 -9.24
CA GLY A 179 27.38 -15.59 -10.23
C GLY A 179 26.92 -16.83 -10.97
N LYS A 180 25.61 -17.06 -10.95
CA LYS A 180 25.04 -18.21 -11.65
C LYS A 180 24.52 -17.83 -13.03
N ASP A 181 24.15 -18.84 -13.80
CA ASP A 181 23.52 -18.65 -15.09
C ASP A 181 22.06 -18.30 -14.83
N SER A 182 21.62 -17.16 -15.35
CA SER A 182 20.26 -16.68 -15.11
C SER A 182 19.25 -17.57 -15.80
N ASN A 183 19.70 -18.36 -16.78
CA ASN A 183 18.82 -19.28 -17.49
C ASN A 183 18.37 -20.44 -16.63
N ASP A 184 18.99 -20.56 -15.46
CA ASP A 184 18.58 -21.55 -14.47
C ASP A 184 17.21 -21.22 -13.89
N ALA A 185 16.76 -19.98 -14.07
CA ALA A 185 15.41 -19.63 -13.67
C ALA A 185 14.40 -20.13 -14.70
N LYS A 186 13.65 -21.15 -14.34
CA LYS A 186 12.72 -21.75 -15.27
C LYS A 186 11.32 -21.83 -14.67
N MET A 187 10.33 -22.15 -15.49
CA MET A 187 9.00 -22.46 -14.98
C MET A 187 8.32 -23.59 -15.73
N LEU A 188 7.43 -24.28 -15.03
CA LEU A 188 6.45 -25.14 -15.66
C LEU A 188 5.20 -24.29 -15.90
N ARG A 189 4.98 -23.92 -17.16
CA ARG A 189 3.82 -23.11 -17.56
C ARG A 189 2.49 -23.78 -17.21
N ILE A 190 1.67 -23.08 -16.43
CA ILE A 190 0.40 -23.67 -15.95
C ILE A 190 -0.67 -23.77 -17.06
N ASP A 191 -0.64 -22.85 -18.01
CA ASP A 191 -1.53 -22.96 -19.17
C ASP A 191 -1.23 -24.22 -19.97
N LYS A 192 0.06 -24.49 -20.23
CA LYS A 192 0.46 -25.72 -20.91
C LYS A 192 0.05 -26.97 -20.12
N LEU A 193 0.32 -26.98 -18.82
CA LEU A 193 -0.03 -28.11 -17.95
C LEU A 193 -1.55 -28.38 -17.92
N ALA A 194 -2.33 -27.30 -17.89
CA ALA A 194 -3.79 -27.41 -17.82
C ALA A 194 -4.47 -27.53 -19.18
N GLU A 195 -3.66 -27.59 -20.25
CA GLU A 195 -4.14 -27.68 -21.63
C GLU A 195 -5.02 -26.49 -22.03
N LEU A 196 -4.56 -25.28 -21.71
CA LEU A 196 -5.34 -24.06 -21.96
C LEU A 196 -4.92 -23.33 -23.23
N GLY A 197 -3.62 -23.25 -23.47
CA GLY A 197 -3.13 -22.54 -24.64
C GLY A 197 -2.66 -21.12 -24.32
N CYS A 198 -3.44 -20.41 -23.50
CA CYS A 198 -3.05 -19.08 -23.05
C CYS A 198 -3.11 -18.95 -21.53
N CYS A 199 -2.36 -17.99 -20.99
CA CYS A 199 -2.41 -17.67 -19.56
C CYS A 199 -3.38 -16.52 -19.30
N CYS A 200 -4.51 -16.53 -20.01
CA CYS A 200 -5.57 -15.53 -19.81
C CYS A 200 -6.24 -15.69 -18.45
N PHE A 201 -5.98 -16.80 -17.76
CA PHE A 201 -6.51 -16.99 -16.42
C PHE A 201 -5.81 -16.04 -15.45
N CYS A 202 -4.67 -15.50 -15.88
CA CYS A 202 -3.94 -14.53 -15.08
C CYS A 202 -3.90 -13.13 -15.71
N THR A 203 -4.70 -12.90 -16.75
CA THR A 203 -4.89 -11.54 -17.24
C THR A 203 -5.36 -10.68 -16.08
N ILE A 204 -4.64 -9.59 -15.81
CA ILE A 204 -4.97 -8.70 -14.71
C ILE A 204 -5.95 -7.63 -15.20
N LEU A 205 -7.02 -7.43 -14.46
CA LEU A 205 -8.15 -6.65 -14.95
C LEU A 205 -8.45 -5.45 -14.08
N TYR A 206 -9.01 -4.42 -14.69
CA TYR A 206 -9.70 -3.35 -13.99
C TYR A 206 -11.07 -3.89 -13.55
N ILE A 207 -11.34 -3.87 -12.24
CA ILE A 207 -12.63 -4.35 -11.77
C ILE A 207 -13.36 -3.28 -10.96
N ALA A 208 -14.66 -3.42 -10.87
CA ALA A 208 -15.43 -2.50 -10.07
C ALA A 208 -16.60 -3.22 -9.39
N ASN A 209 -16.99 -2.71 -8.23
CA ASN A 209 -18.17 -3.20 -7.53
C ASN A 209 -19.41 -2.96 -8.42
N ASP A 210 -20.31 -3.93 -8.50
CA ASP A 210 -21.46 -3.86 -9.39
C ASP A 210 -22.39 -2.69 -9.05
N LYS A 211 -22.61 -2.46 -7.76
CA LYS A 211 -23.43 -1.35 -7.33
C LYS A 211 -22.79 0.00 -7.66
N PHE A 212 -21.47 0.08 -7.51
CA PHE A 212 -20.76 1.31 -7.86
C PHE A 212 -20.90 1.61 -9.34
N ILE A 213 -20.80 0.56 -10.15
CA ILE A 213 -21.00 0.69 -11.60
C ILE A 213 -22.41 1.20 -11.94
N ALA A 214 -23.45 0.54 -11.41
CA ALA A 214 -24.82 0.93 -11.73
C ALA A 214 -25.13 2.36 -11.27
N GLU A 215 -24.56 2.76 -10.14
CA GLU A 215 -24.84 4.09 -9.59
C GLU A 215 -23.92 5.21 -10.09
N ASN A 216 -22.77 4.85 -10.66
CA ASN A 216 -21.85 5.84 -11.20
C ASN A 216 -21.31 5.50 -12.57
N PRO A 217 -22.20 5.32 -13.57
CA PRO A 217 -21.68 4.94 -14.88
C PRO A 217 -20.75 5.98 -15.50
N GLN A 218 -21.02 7.27 -15.27
CA GLN A 218 -20.18 8.31 -15.88
C GLN A 218 -18.78 8.36 -15.29
N ALA A 219 -18.68 8.26 -13.97
CA ALA A 219 -17.39 8.17 -13.31
C ALA A 219 -16.55 7.00 -13.82
N VAL A 220 -17.20 5.86 -14.04
CA VAL A 220 -16.50 4.70 -14.59
C VAL A 220 -15.92 4.99 -15.98
N LYS A 221 -16.75 5.53 -16.88
CA LYS A 221 -16.32 5.86 -18.25
C LYS A 221 -15.16 6.86 -18.24
N LYS A 222 -15.27 7.84 -17.38
CA LYS A 222 -14.23 8.86 -17.25
C LYS A 222 -12.94 8.28 -16.69
N PHE A 223 -13.07 7.34 -15.77
CA PHE A 223 -11.91 6.69 -15.16
C PHE A 223 -11.16 5.95 -16.26
N LEU A 224 -11.90 5.22 -17.09
CA LEU A 224 -11.30 4.44 -18.16
C LEU A 224 -10.70 5.34 -19.25
N LYS A 225 -11.31 6.49 -19.48
CA LYS A 225 -10.75 7.45 -20.42
C LYS A 225 -9.40 7.96 -19.95
N ALA A 226 -9.32 8.25 -18.65
CA ALA A 226 -8.06 8.75 -18.07
C ALA A 226 -6.99 7.65 -18.07
N ILE A 227 -7.41 6.42 -17.77
CA ILE A 227 -6.52 5.27 -17.82
C ILE A 227 -5.97 5.09 -19.25
N LYS A 228 -6.87 5.11 -20.23
CA LYS A 228 -6.50 4.97 -21.65
C LYS A 228 -5.52 6.07 -22.09
N ARG A 229 -5.76 7.29 -21.64
CA ARG A 229 -4.86 8.40 -21.91
C ARG A 229 -3.45 8.16 -21.33
N ALA A 230 -3.39 7.64 -20.10
CA ALA A 230 -2.11 7.32 -19.49
C ALA A 230 -1.44 6.14 -20.18
N THR A 231 -2.27 5.20 -20.63
CA THR A 231 -1.78 3.98 -21.26
C THR A 231 -1.16 4.27 -22.62
N ASP A 232 -1.83 5.09 -23.41
CA ASP A 232 -1.27 5.54 -24.68
C ASP A 232 0.09 6.25 -24.47
N TYR A 233 0.15 7.19 -23.53
CA TYR A 233 1.39 7.95 -23.29
C TYR A 233 2.54 7.02 -22.87
N MET A 234 2.24 6.11 -21.95
CA MET A 234 3.24 5.17 -21.45
C MET A 234 3.76 4.28 -22.57
N LEU A 235 2.88 3.76 -23.41
CA LEU A 235 3.33 2.86 -24.48
C LEU A 235 4.12 3.61 -25.55
N ALA A 236 3.84 4.89 -25.71
CA ALA A 236 4.52 5.72 -26.70
C ALA A 236 5.79 6.34 -26.13
N HIS A 237 5.81 6.55 -24.82
CA HIS A 237 6.98 7.13 -24.14
C HIS A 237 7.40 6.27 -22.96
N PRO A 238 7.79 5.01 -23.20
CA PRO A 238 8.04 4.15 -22.04
C PRO A 238 9.16 4.66 -21.11
N ARG A 239 10.27 5.16 -21.66
CA ARG A 239 11.38 5.55 -20.80
C ARG A 239 11.01 6.74 -19.93
N GLU A 240 10.41 7.76 -20.56
CA GLU A 240 10.01 8.98 -19.87
C GLU A 240 8.93 8.69 -18.83
N ALA A 241 7.94 7.89 -19.23
CA ALA A 241 6.86 7.44 -18.34
C ALA A 241 7.39 6.68 -17.12
N TRP A 242 8.26 5.71 -17.38
CA TRP A 242 8.86 4.93 -16.31
C TRP A 242 9.58 5.82 -15.31
N ALA A 243 10.34 6.79 -15.81
CA ALA A 243 11.04 7.74 -14.95
C ALA A 243 10.08 8.59 -14.11
N GLU A 244 8.97 9.01 -14.72
CA GLU A 244 7.94 9.74 -13.96
C GLU A 244 7.38 8.92 -12.82
N TYR A 245 7.17 7.62 -13.10
CA TYR A 245 6.59 6.71 -12.13
C TYR A 245 7.57 6.51 -10.97
N GLY A 246 8.83 6.25 -11.30
CA GLY A 246 9.85 6.07 -10.28
C GLY A 246 10.11 7.32 -9.45
N ASN A 247 9.90 8.50 -10.03
CA ASN A 247 10.11 9.72 -9.28
C ASN A 247 9.07 9.85 -8.18
N PHE A 248 7.90 9.26 -8.42
CA PHE A 248 6.83 9.27 -7.43
C PHE A 248 6.97 8.11 -6.45
N LYS A 249 7.28 6.92 -6.98
CA LYS A 249 7.47 5.68 -6.23
C LYS A 249 8.92 5.23 -6.36
N PRO A 250 9.80 5.67 -5.45
CA PRO A 250 11.25 5.43 -5.59
C PRO A 250 11.64 3.95 -5.76
N THR A 251 10.87 3.02 -5.21
CA THR A 251 11.16 1.60 -5.40
C THR A 251 11.21 1.22 -6.87
N MET A 252 10.41 1.92 -7.68
CA MET A 252 10.38 1.69 -9.12
C MET A 252 11.64 2.19 -9.83
N GLN A 253 12.53 2.84 -9.10
CA GLN A 253 13.78 3.31 -9.69
C GLN A 253 14.93 2.28 -9.69
N THR A 254 14.71 1.15 -9.04
CA THR A 254 15.73 0.09 -9.01
C THR A 254 15.95 -0.56 -10.37
N ASP A 255 17.16 -1.10 -10.56
CA ASP A 255 17.46 -1.90 -11.74
C ASP A 255 16.54 -3.12 -11.87
N LEU A 256 16.26 -3.78 -10.74
CA LEU A 256 15.36 -4.92 -10.77
C LEU A 256 13.96 -4.54 -11.29
N ASN A 257 13.39 -3.48 -10.75
CA ASN A 257 12.07 -3.06 -11.20
C ASN A 257 12.04 -2.57 -12.64
N THR A 258 13.14 -1.96 -13.08
CA THR A 258 13.25 -1.51 -14.46
C THR A 258 13.24 -2.70 -15.42
N LYS A 259 13.94 -3.76 -15.05
CA LYS A 259 13.95 -4.97 -15.85
C LYS A 259 12.59 -5.67 -15.86
N LYS A 260 11.89 -5.61 -14.73
CA LYS A 260 10.53 -6.11 -14.67
C LYS A 260 9.61 -5.32 -15.60
N PHE A 261 9.74 -3.99 -15.59
CA PHE A 261 8.93 -3.15 -16.48
C PHE A 261 9.15 -3.47 -17.96
N GLN A 262 10.41 -3.62 -18.37
CA GLN A 262 10.75 -4.01 -19.73
C GLN A 262 10.10 -5.35 -20.15
N ARG A 263 9.99 -6.28 -19.21
CA ARG A 263 9.35 -7.57 -19.46
C ARG A 263 7.82 -7.49 -19.43
N CYS A 264 7.28 -6.58 -18.62
CA CYS A 264 5.83 -6.36 -18.55
C CYS A 264 5.33 -5.67 -19.80
N TYR A 265 6.23 -4.92 -20.44
CA TYR A 265 5.85 -3.98 -21.51
C TYR A 265 5.09 -4.64 -22.63
N ALA A 266 5.53 -5.82 -23.03
CA ALA A 266 4.86 -6.56 -24.11
C ALA A 266 3.45 -6.99 -23.75
N TYR A 267 3.13 -7.07 -22.47
CA TYR A 267 1.85 -7.64 -22.06
C TYR A 267 0.71 -6.64 -21.88
N PHE A 268 1.04 -5.34 -21.81
CA PHE A 268 0.01 -4.33 -21.56
C PHE A 268 -1.05 -4.39 -22.65
N SER A 269 -2.31 -4.46 -22.25
CA SER A 269 -3.39 -4.27 -23.20
C SER A 269 -3.36 -2.82 -23.68
N GLU A 270 -3.44 -2.64 -25.00
CA GLU A 270 -3.37 -1.32 -25.62
C GLU A 270 -4.75 -0.67 -25.67
N SER A 271 -5.79 -1.48 -25.86
CA SER A 271 -7.14 -0.97 -26.01
C SER A 271 -7.97 -1.12 -24.74
N LEU A 272 -7.44 -1.86 -23.76
CA LEU A 272 -8.15 -2.19 -22.51
C LEU A 272 -9.35 -3.11 -22.70
N TYR A 273 -9.58 -3.59 -23.91
CA TYR A 273 -10.76 -4.42 -24.16
C TYR A 273 -10.67 -5.80 -23.52
N ASN A 274 -11.77 -6.25 -22.92
CA ASN A 274 -11.91 -7.65 -22.50
C ASN A 274 -12.01 -8.51 -23.75
N VAL A 275 -11.26 -9.60 -23.79
CA VAL A 275 -11.27 -10.46 -24.96
C VAL A 275 -12.23 -11.62 -24.74
N HIS A 276 -13.32 -11.64 -25.51
CA HIS A 276 -14.47 -12.49 -25.26
C HIS A 276 -14.11 -13.98 -25.22
N ARG A 277 -13.23 -14.40 -26.12
CA ARG A 277 -12.84 -15.80 -26.21
C ARG A 277 -12.08 -16.23 -24.96
N ASP A 278 -11.19 -15.37 -24.48
CA ASP A 278 -10.41 -15.64 -23.28
C ASP A 278 -11.32 -15.87 -22.10
N TRP A 279 -12.33 -15.02 -21.95
CA TRP A 279 -13.27 -15.14 -20.85
C TRP A 279 -14.00 -16.48 -20.91
N ARG A 280 -14.32 -16.91 -22.13
CA ARG A 280 -15.04 -18.15 -22.36
C ARG A 280 -14.21 -19.36 -21.93
N LYS A 281 -12.93 -19.33 -22.27
CA LYS A 281 -12.05 -20.44 -21.97
C LYS A 281 -11.79 -20.54 -20.47
N VAL A 282 -11.60 -19.38 -19.85
CA VAL A 282 -11.33 -19.31 -18.41
C VAL A 282 -12.59 -19.61 -17.59
N ASN A 283 -13.75 -19.23 -18.10
CA ASN A 283 -15.01 -19.61 -17.47
C ASN A 283 -15.10 -21.14 -17.35
N ASN A 284 -14.89 -21.83 -18.47
CA ASN A 284 -14.94 -23.28 -18.50
C ASN A 284 -13.87 -23.94 -17.61
N TYR A 285 -12.69 -23.34 -17.58
CA TYR A 285 -11.62 -23.80 -16.72
C TYR A 285 -12.03 -23.72 -15.25
N GLY A 286 -12.59 -22.57 -14.87
CA GLY A 286 -13.09 -22.38 -13.51
C GLY A 286 -14.22 -23.31 -13.12
N LYS A 287 -15.08 -23.65 -14.08
CA LYS A 287 -16.09 -24.67 -13.84
C LYS A 287 -15.40 -26.02 -13.57
N ARG A 288 -14.41 -26.32 -14.40
CA ARG A 288 -13.61 -27.54 -14.26
C ARG A 288 -12.90 -27.62 -12.91
N LEU A 289 -12.39 -26.50 -12.40
CA LEU A 289 -11.77 -26.44 -11.07
C LEU A 289 -12.80 -26.49 -9.92
N ASP A 290 -14.07 -26.50 -10.29
N ASP A 290 -14.08 -26.54 -10.26
CA ASP A 290 -15.20 -26.46 -9.37
CA ASP A 290 -15.15 -26.48 -9.27
C ASP A 290 -15.30 -25.18 -8.53
C ASP A 290 -15.11 -25.22 -8.41
N ILE A 291 -14.67 -24.10 -8.99
CA ILE A 291 -14.80 -22.82 -8.31
C ILE A 291 -15.96 -22.01 -8.87
N LEU A 292 -16.42 -22.39 -10.05
CA LEU A 292 -17.57 -21.73 -10.66
C LEU A 292 -18.67 -22.75 -10.94
N PRO A 293 -19.93 -22.37 -10.68
CA PRO A 293 -21.07 -23.26 -10.94
C PRO A 293 -21.24 -23.48 -12.44
N GLU A 294 -21.93 -24.56 -12.81
CA GLU A 294 -21.96 -25.03 -14.20
C GLU A 294 -22.65 -24.06 -15.18
N ASN A 295 -23.54 -23.21 -14.66
CA ASN A 295 -24.26 -22.28 -15.51
C ASN A 295 -23.72 -20.85 -15.40
N TYR A 296 -22.51 -20.73 -14.87
CA TYR A 296 -21.98 -19.42 -14.54
C TYR A 296 -21.72 -18.56 -15.78
N VAL A 297 -22.07 -17.28 -15.70
CA VAL A 297 -21.79 -16.33 -16.77
C VAL A 297 -20.63 -15.39 -16.42
N PRO A 298 -19.66 -15.24 -17.34
CA PRO A 298 -18.47 -14.39 -17.16
C PRO A 298 -18.85 -12.96 -16.72
N ASN A 299 -18.14 -12.42 -15.74
CA ASN A 299 -18.48 -11.11 -15.19
C ASN A 299 -17.61 -9.98 -15.72
N TYR A 300 -17.85 -9.59 -16.97
CA TYR A 300 -17.14 -8.47 -17.59
C TYR A 300 -18.04 -7.65 -18.50
N THR A 301 -17.56 -6.46 -18.84
CA THR A 301 -18.27 -5.59 -19.78
C THR A 301 -17.27 -4.67 -20.45
N ASN A 302 -17.48 -4.43 -21.75
CA ASN A 302 -16.70 -3.47 -22.51
C ASN A 302 -17.46 -2.17 -22.75
N GLU A 303 -18.66 -2.06 -22.19
CA GLU A 303 -19.54 -0.95 -22.57
C GLU A 303 -19.14 0.41 -21.99
N TYR A 304 -18.16 0.42 -21.08
CA TYR A 304 -17.71 1.67 -20.48
C TYR A 304 -16.43 2.18 -21.14
N LEU A 305 -15.90 1.39 -22.07
CA LEU A 305 -14.78 1.81 -22.90
C LEU A 305 -15.30 2.73 -24.01
N SER A 306 -14.61 3.83 -24.27
CA SER A 306 -15.13 4.91 -25.12
C SER A 306 -14.51 5.05 -26.51
N TRP A 307 -13.90 3.97 -27.01
CA TRP A 307 -13.23 3.98 -28.30
C TRP A 307 -13.50 2.60 -28.91
N PRO A 308 -13.37 2.45 -30.24
CA PRO A 308 -13.72 1.15 -30.80
C PRO A 308 -12.74 0.01 -30.49
N GLU A 309 -13.25 -1.20 -30.41
CA GLU A 309 -12.42 -2.39 -30.34
C GLU A 309 -11.68 -2.54 -31.66
N PRO A 310 -10.34 -2.49 -31.61
CA PRO A 310 -9.54 -2.62 -32.83
C PRO A 310 -9.23 -4.08 -33.15
N SER B 2 -28.16 -9.06 -4.19
CA SER B 2 -27.36 -8.40 -3.17
C SER B 2 -25.92 -8.92 -3.17
N HIS B 3 -25.21 -8.66 -2.08
CA HIS B 3 -23.85 -9.17 -1.92
C HIS B 3 -23.68 -9.92 -0.60
N MET B 4 -22.71 -10.82 -0.56
CA MET B 4 -22.35 -11.46 0.70
C MET B 4 -21.75 -10.41 1.60
N SER B 5 -21.87 -10.61 2.90
CA SER B 5 -21.26 -9.74 3.88
C SER B 5 -19.77 -10.02 3.93
N THR B 6 -18.96 -9.03 4.28
CA THR B 6 -17.57 -9.31 4.62
C THR B 6 -17.26 -8.88 6.05
N ASN B 7 -16.55 -9.75 6.79
CA ASN B 7 -16.10 -9.36 8.11
C ASN B 7 -14.76 -8.68 8.06
N LYS B 8 -14.21 -8.50 6.87
CA LYS B 8 -12.91 -7.85 6.73
C LYS B 8 -13.05 -6.40 7.16
N ILE B 9 -12.23 -6.03 8.13
CA ILE B 9 -12.20 -4.68 8.63
C ILE B 9 -11.02 -3.98 7.99
N THR B 10 -11.30 -2.89 7.28
CA THR B 10 -10.25 -2.17 6.58
C THR B 10 -9.46 -1.24 7.52
N PHE B 11 -8.13 -1.36 7.46
CA PHE B 11 -7.25 -0.56 8.29
C PHE B 11 -6.22 0.11 7.39
N LEU B 12 -6.30 1.43 7.29
CA LEU B 12 -5.49 2.19 6.33
C LEU B 12 -4.36 2.91 7.05
N LEU B 13 -3.13 2.58 6.68
CA LEU B 13 -1.94 3.20 7.30
C LEU B 13 -1.91 4.70 7.02
N ASN B 14 -1.14 5.43 7.81
CA ASN B 14 -0.97 6.87 7.58
C ASN B 14 0.02 7.13 6.45
N TRP B 15 0.68 6.08 5.99
CA TRP B 15 1.88 6.23 5.19
C TRP B 15 2.15 4.92 4.51
N GLU B 16 3.07 4.93 3.54
CA GLU B 16 3.53 3.68 2.98
C GLU B 16 4.17 2.89 4.12
N ALA B 17 4.16 1.56 4.02
CA ALA B 17 4.66 0.69 5.08
C ALA B 17 6.03 1.15 5.57
N ALA B 18 6.15 1.31 6.89
CA ALA B 18 7.33 1.91 7.50
C ALA B 18 7.65 1.18 8.80
N PRO B 19 8.86 1.42 9.36
CA PRO B 19 9.25 0.66 10.56
C PRO B 19 8.28 0.77 11.73
N TYR B 20 7.68 1.93 11.94
CA TYR B 20 6.82 2.09 13.11
C TYR B 20 5.43 1.49 12.94
N HIS B 21 5.13 0.93 11.76
CA HIS B 21 3.90 0.16 11.58
C HIS B 21 3.99 -1.27 12.13
N ILE B 22 5.17 -1.65 12.66
CA ILE B 22 5.36 -3.02 13.14
C ILE B 22 4.25 -3.61 14.05
N PRO B 23 3.68 -2.81 14.98
CA PRO B 23 2.69 -3.50 15.81
C PRO B 23 1.43 -3.97 15.04
N VAL B 24 1.04 -3.23 14.00
CA VAL B 24 -0.10 -3.65 13.19
C VAL B 24 0.19 -4.93 12.41
N TYR B 25 1.30 -4.94 11.68
CA TYR B 25 1.64 -6.10 10.85
C TYR B 25 1.93 -7.31 11.73
N LEU B 26 2.62 -7.07 12.83
CA LEU B 26 3.01 -8.16 13.70
C LEU B 26 1.77 -8.80 14.35
N ALA B 27 0.75 -7.99 14.60
CA ALA B 27 -0.49 -8.48 15.18
C ALA B 27 -1.17 -9.45 14.23
N ASN B 28 -1.08 -9.16 12.93
CA ASN B 28 -1.58 -10.03 11.87
C ASN B 28 -0.69 -11.26 11.70
N ILE B 29 0.61 -11.01 11.51
CA ILE B 29 1.59 -12.06 11.26
C ILE B 29 1.60 -13.12 12.36
N LYS B 30 1.54 -12.69 13.61
CA LYS B 30 1.64 -13.64 14.72
C LYS B 30 0.29 -14.27 15.05
N GLY B 31 -0.73 -13.92 14.27
CA GLY B 31 -2.07 -14.45 14.44
C GLY B 31 -2.84 -13.91 15.63
N TYR B 32 -2.45 -12.74 16.09
CA TYR B 32 -3.13 -12.14 17.24
C TYR B 32 -4.52 -11.64 16.88
N PHE B 33 -4.70 -11.16 15.65
CA PHE B 33 -6.01 -10.76 15.18
C PHE B 33 -6.90 -11.98 15.05
N LYS B 34 -6.36 -13.05 14.46
CA LYS B 34 -7.09 -14.30 14.31
C LYS B 34 -7.56 -14.82 15.66
N ASP B 35 -6.67 -14.76 16.66
CA ASP B 35 -6.99 -15.17 18.03
C ASP B 35 -8.16 -14.38 18.61
N GLU B 36 -8.36 -13.14 18.14
CA GLU B 36 -9.53 -12.38 18.58
C GLU B 36 -10.71 -12.52 17.61
N ASN B 37 -10.66 -13.51 16.73
CA ASN B 37 -11.66 -13.67 15.65
C ASN B 37 -11.86 -12.40 14.83
N LEU B 38 -10.75 -11.72 14.54
CA LEU B 38 -10.78 -10.56 13.66
C LEU B 38 -10.08 -10.88 12.36
N ASP B 39 -10.64 -10.41 11.25
CA ASP B 39 -9.94 -10.37 9.97
C ASP B 39 -9.66 -8.90 9.61
N ILE B 40 -8.38 -8.52 9.64
CA ILE B 40 -7.97 -7.15 9.33
C ILE B 40 -7.35 -7.07 7.94
N ALA B 41 -7.97 -6.29 7.05
CA ALA B 41 -7.39 -6.00 5.74
C ALA B 41 -6.52 -4.76 5.89
N ILE B 42 -5.21 -4.95 5.97
CA ILE B 42 -4.27 -3.83 6.08
C ILE B 42 -4.03 -3.19 4.72
N LEU B 43 -4.31 -1.89 4.63
CA LEU B 43 -4.18 -1.16 3.37
C LEU B 43 -3.13 -0.05 3.50
N GLU B 44 -2.45 0.25 2.41
CA GLU B 44 -1.45 1.30 2.41
C GLU B 44 -1.84 2.41 1.45
N PRO B 45 -1.77 3.68 1.91
CA PRO B 45 -2.16 4.77 1.01
C PRO B 45 -1.04 5.10 0.04
N SER B 46 -1.39 5.45 -1.19
CA SER B 46 -0.42 6.01 -2.13
C SER B 46 -0.19 7.50 -1.86
N ASN B 47 -1.17 8.11 -1.20
CA ASN B 47 -1.16 9.52 -0.87
C ASN B 47 -1.74 9.66 0.52
N PRO B 48 -0.89 10.02 1.49
CA PRO B 48 -1.28 10.22 2.90
C PRO B 48 -2.42 11.23 3.06
N SER B 49 -2.61 12.13 2.11
CA SER B 49 -3.67 13.13 2.23
C SER B 49 -5.05 12.54 1.95
N ASP B 50 -5.10 11.31 1.47
CA ASP B 50 -6.37 10.62 1.22
C ASP B 50 -6.93 10.10 2.53
N VAL B 51 -6.05 9.86 3.50
CA VAL B 51 -6.39 8.98 4.63
C VAL B 51 -7.55 9.40 5.52
N THR B 52 -7.54 10.64 6.01
CA THR B 52 -8.58 11.06 6.95
C THR B 52 -9.97 11.21 6.32
N GLU B 53 -10.03 11.58 5.04
CA GLU B 53 -11.34 11.65 4.39
C GLU B 53 -11.93 10.25 4.19
N LEU B 54 -11.08 9.30 3.83
CA LEU B 54 -11.53 7.91 3.63
C LEU B 54 -12.07 7.33 4.92
N VAL B 55 -11.31 7.45 6.02
CA VAL B 55 -11.75 6.92 7.31
C VAL B 55 -12.97 7.68 7.83
N GLY B 56 -12.91 9.00 7.74
CA GLY B 56 -13.95 9.85 8.26
C GLY B 56 -15.29 9.64 7.58
N SER B 57 -15.25 9.37 6.27
CA SER B 57 -16.47 9.15 5.49
C SER B 57 -17.01 7.73 5.68
N GLY B 58 -16.18 6.83 6.22
CA GLY B 58 -16.60 5.46 6.43
C GLY B 58 -16.27 4.57 5.24
N LYS B 59 -15.59 5.14 4.25
CA LYS B 59 -15.11 4.35 3.12
C LYS B 59 -14.01 3.38 3.55
N VAL B 60 -13.42 3.66 4.71
CA VAL B 60 -12.44 2.82 5.35
C VAL B 60 -12.82 2.88 6.81
N ASP B 61 -12.76 1.74 7.50
CA ASP B 61 -13.21 1.66 8.89
C ASP B 61 -12.28 2.31 9.90
N MET B 62 -10.99 2.02 9.76
CA MET B 62 -9.98 2.42 10.75
C MET B 62 -8.66 2.76 10.06
N GLY B 63 -7.74 3.32 10.81
CA GLY B 63 -6.43 3.65 10.27
C GLY B 63 -5.49 4.34 11.24
N LEU B 64 -4.45 4.98 10.68
CA LEU B 64 -3.53 5.81 11.45
C LEU B 64 -3.47 7.22 10.88
N ALA B 66 -1.51 11.41 12.22
CA ALA B 66 -0.98 12.21 13.32
C ALA B 66 -2.09 12.99 13.98
N MET B 67 -1.76 13.57 15.14
CA MET B 67 -2.76 14.19 16.01
C MET B 67 -3.38 15.45 15.40
N VAL B 68 -2.55 16.28 14.78
CA VAL B 68 -3.08 17.51 14.17
C VAL B 68 -4.06 17.21 13.01
N HIS B 69 -3.75 16.18 12.25
CA HIS B 69 -4.64 15.74 11.17
C HIS B 69 -5.94 15.17 11.69
N THR B 70 -5.88 14.47 12.82
CA THR B 70 -7.05 13.81 13.37
C THR B 70 -7.99 14.88 13.88
N LEU B 71 -7.42 15.88 14.53
CA LEU B 71 -8.19 17.03 15.00
C LEU B 71 -8.86 17.72 13.82
N ALA B 72 -8.09 18.03 12.79
CA ALA B 72 -8.62 18.79 11.67
C ALA B 72 -9.66 18.01 10.87
N ALA B 73 -9.51 16.70 10.78
CA ALA B 73 -10.42 15.88 10.00
C ALA B 73 -11.85 16.11 10.43
N LYS B 74 -12.10 16.04 11.74
CA LYS B 74 -13.45 16.18 12.26
C LYS B 74 -13.93 17.63 12.21
N ALA B 75 -13.02 18.57 12.45
CA ALA B 75 -13.36 19.98 12.31
C ALA B 75 -13.78 20.27 10.86
N ARG B 76 -13.29 19.44 9.94
CA ARG B 76 -13.65 19.58 8.55
C ARG B 76 -14.84 18.71 8.13
N GLY B 77 -15.48 18.08 9.11
CA GLY B 77 -16.70 17.34 8.83
C GLY B 77 -16.47 15.89 8.41
N PHE B 78 -15.31 15.35 8.77
CA PHE B 78 -15.05 13.92 8.60
C PHE B 78 -14.83 13.29 9.97
N PRO B 79 -15.91 12.73 10.55
CA PRO B 79 -15.95 12.30 11.95
C PRO B 79 -15.07 11.10 12.27
N VAL B 80 -13.78 11.33 12.51
CA VAL B 80 -12.90 10.29 13.02
C VAL B 80 -12.68 10.52 14.51
N THR B 81 -12.25 9.47 15.19
CA THR B 81 -11.91 9.55 16.60
C THR B 81 -10.65 8.74 16.84
N SER B 82 -9.71 9.31 17.59
CA SER B 82 -8.54 8.57 18.05
C SER B 82 -8.94 7.62 19.18
N ILE B 83 -8.57 6.35 19.02
CA ILE B 83 -8.91 5.35 20.01
C ILE B 83 -7.65 4.81 20.63
N GLY B 84 -6.52 5.41 20.29
CA GLY B 84 -5.26 4.98 20.88
C GLY B 84 -4.05 5.60 20.24
N SER B 85 -2.91 5.44 20.89
CA SER B 85 -1.67 6.04 20.42
C SER B 85 -0.68 4.97 19.97
N LEU B 86 0.04 5.25 18.87
CA LEU B 86 1.07 4.33 18.39
C LEU B 86 2.49 4.86 18.61
N LEU B 87 2.76 6.04 18.08
CA LEU B 87 4.10 6.62 18.14
C LEU B 87 3.98 7.97 18.84
N ASP B 88 4.57 8.08 20.02
CA ASP B 88 4.41 9.27 20.86
C ASP B 88 5.44 10.38 20.60
N GLU B 89 4.93 11.56 20.24
CA GLU B 89 5.75 12.78 20.13
C GLU B 89 7.08 12.61 19.40
N PRO B 90 7.09 11.98 18.21
CA PRO B 90 8.40 11.87 17.56
C PRO B 90 8.91 13.27 17.17
N PHE B 91 10.20 13.53 17.36
CA PHE B 91 10.77 14.83 17.01
C PHE B 91 10.49 15.16 15.55
N THR B 92 9.86 16.32 15.32
CA THR B 92 9.44 16.73 14.00
C THR B 92 9.95 18.14 13.68
N GLY B 93 10.43 18.35 12.47
CA GLY B 93 10.96 19.66 12.12
C GLY B 93 11.32 19.86 10.66
N ILE B 94 11.97 20.98 10.40
CA ILE B 94 12.46 21.26 9.06
C ILE B 94 13.88 20.71 8.94
N CYS B 95 13.99 19.60 8.21
CA CYS B 95 15.25 18.92 8.00
C CYS B 95 16.03 19.63 6.91
N TYR B 96 17.34 19.76 7.10
CA TYR B 96 18.17 20.39 6.09
C TYR B 96 19.59 19.83 6.14
N LEU B 97 20.38 20.16 5.11
CA LEU B 97 21.78 19.75 5.04
C LEU B 97 22.72 20.93 5.27
N GLU B 98 23.64 20.76 6.22
CA GLU B 98 24.66 21.76 6.49
C GLU B 98 25.38 22.13 5.19
N GLY B 99 25.65 23.43 5.03
CA GLY B 99 26.30 23.92 3.83
C GLY B 99 25.35 24.28 2.71
N SER B 100 24.05 24.31 3.01
CA SER B 100 23.07 24.79 2.05
C SER B 100 22.69 26.24 2.33
N GLY B 101 23.34 26.86 3.31
CA GLY B 101 23.01 28.22 3.71
C GLY B 101 21.96 28.30 4.79
N ILE B 102 21.23 27.21 5.01
CA ILE B 102 20.23 27.18 6.07
C ILE B 102 20.90 26.94 7.41
N THR B 103 20.56 27.77 8.40
CA THR B 103 21.11 27.64 9.74
C THR B 103 20.00 27.41 10.76
N SER B 104 20.34 27.53 12.04
CA SER B 104 19.38 27.37 13.12
C SER B 104 18.49 28.60 13.25
N ASP B 105 18.84 29.67 12.54
CA ASP B 105 18.00 30.86 12.45
C ASP B 105 16.91 30.64 11.41
N PHE B 106 15.66 30.69 11.83
CA PHE B 106 14.50 30.59 10.93
C PHE B 106 14.66 31.52 9.72
N GLN B 107 15.19 32.73 9.95
CA GLN B 107 15.39 33.72 8.88
C GLN B 107 16.25 33.26 7.72
N SER B 108 17.10 32.26 7.96
CA SER B 108 17.92 31.66 6.92
C SER B 108 17.09 30.90 5.87
N LEU B 109 15.79 30.76 6.14
CA LEU B 109 14.88 30.07 5.22
C LEU B 109 14.36 30.99 4.12
N LYS B 110 14.61 32.29 4.26
CA LYS B 110 14.16 33.29 3.29
C LYS B 110 14.50 32.94 1.85
N GLY B 111 13.47 32.83 1.01
CA GLY B 111 13.66 32.48 -0.39
C GLY B 111 13.97 31.02 -0.66
N LYS B 112 13.98 30.17 0.38
CA LYS B 112 14.29 28.75 0.19
C LYS B 112 13.09 27.96 -0.32
N ARG B 113 13.35 26.85 -1.00
CA ARG B 113 12.28 25.90 -1.33
C ARG B 113 12.08 24.93 -0.18
N ILE B 114 10.95 25.03 0.49
CA ILE B 114 10.68 24.19 1.66
C ILE B 114 9.64 23.11 1.36
N GLY B 115 10.07 21.85 1.38
CA GLY B 115 9.15 20.76 1.09
C GLY B 115 8.24 20.46 2.26
N TYR B 116 7.00 20.06 1.95
CA TYR B 116 6.09 19.55 2.97
C TYR B 116 5.39 18.33 2.38
N VAL B 117 4.71 17.58 3.24
CA VAL B 117 4.09 16.35 2.77
C VAL B 117 2.78 16.59 2.01
N GLY B 118 1.78 17.15 2.69
CA GLY B 118 0.43 17.13 2.15
C GLY B 118 -0.29 18.46 2.12
N GLU B 119 -0.48 19.05 3.28
CA GLU B 119 -1.18 20.32 3.39
C GLU B 119 -0.83 21.03 4.69
N PHE B 120 -0.93 20.31 5.80
CA PHE B 120 -0.78 20.96 7.10
C PHE B 120 0.62 21.49 7.38
N GLY B 121 1.64 20.84 6.84
CA GLY B 121 3.01 21.30 7.00
C GLY B 121 3.21 22.72 6.49
N LYS B 122 2.55 23.05 5.39
CA LYS B 122 2.63 24.37 4.79
C LYS B 122 1.92 25.40 5.68
N ILE B 123 0.72 25.05 6.14
CA ILE B 123 -0.02 25.91 7.06
C ILE B 123 0.84 26.27 8.28
N GLN B 124 1.58 25.28 8.79
CA GLN B 124 2.40 25.47 9.98
C GLN B 124 3.55 26.42 9.71
N VAL B 125 4.21 26.25 8.57
CA VAL B 125 5.35 27.10 8.26
C VAL B 125 4.91 28.53 7.94
N ASP B 126 3.81 28.67 7.19
CA ASP B 126 3.21 29.96 6.94
C ASP B 126 2.93 30.73 8.24
N GLU B 127 2.44 30.02 9.26
CA GLU B 127 2.09 30.68 10.51
C GLU B 127 3.34 31.08 11.29
N LEU B 128 4.38 30.27 11.19
CA LEU B 128 5.64 30.56 11.86
C LEU B 128 6.30 31.84 11.36
N THR B 129 6.12 32.13 10.07
CA THR B 129 6.81 33.24 9.43
C THR B 129 6.55 34.56 10.13
N LYS B 130 5.30 34.79 10.53
CA LYS B 130 4.94 36.03 11.20
C LYS B 130 5.60 36.15 12.57
N HIS B 131 6.08 35.03 13.10
CA HIS B 131 6.78 35.05 14.38
C HIS B 131 8.26 35.39 14.22
N TYR B 132 8.72 35.47 12.98
CA TYR B 132 10.12 35.79 12.72
C TYR B 132 10.31 36.91 11.68
N GLY B 133 9.41 37.89 11.71
CA GLY B 133 9.51 39.04 10.83
C GLY B 133 9.40 38.67 9.35
N MET B 134 8.62 37.62 9.07
CA MET B 134 8.46 37.16 7.70
C MET B 134 6.99 36.97 7.33
N THR B 135 6.73 36.63 6.07
CA THR B 135 5.39 36.35 5.58
C THR B 135 5.43 35.03 4.81
N PRO B 136 4.26 34.45 4.51
CA PRO B 136 4.24 33.21 3.74
C PRO B 136 4.85 33.33 2.33
N ASP B 137 5.03 34.55 1.83
CA ASP B 137 5.69 34.79 0.53
C ASP B 137 7.22 34.84 0.62
N ASP B 138 7.77 34.84 1.82
CA ASP B 138 9.23 34.86 1.98
C ASP B 138 9.89 33.51 1.75
N TYR B 139 9.11 32.51 1.34
CA TYR B 139 9.69 31.22 0.97
C TYR B 139 8.77 30.52 -0.04
N VAL B 140 9.25 29.48 -0.69
CA VAL B 140 8.43 28.70 -1.63
C VAL B 140 8.12 27.31 -1.06
N ALA B 141 6.87 27.08 -0.67
CA ALA B 141 6.45 25.76 -0.20
C ALA B 141 6.23 24.83 -1.38
N VAL B 142 6.76 23.61 -1.26
CA VAL B 142 6.71 22.62 -2.33
C VAL B 142 6.10 21.33 -1.78
N ARG B 143 4.97 20.90 -2.34
CA ARG B 143 4.31 19.68 -1.87
C ARG B 143 5.06 18.46 -2.36
N CYS B 144 5.50 17.59 -1.44
CA CYS B 144 6.39 16.47 -1.81
C CYS B 144 5.87 15.07 -1.51
N GLY B 145 4.71 14.96 -0.87
CA GLY B 145 4.20 13.66 -0.50
C GLY B 145 5.20 12.97 0.40
N MET B 146 5.46 11.70 0.13
CA MET B 146 6.32 10.89 1.01
C MET B 146 7.80 10.96 0.62
N ASN B 147 8.17 11.92 -0.23
CA ASN B 147 9.52 11.97 -0.78
C ASN B 147 10.34 13.18 -0.36
N VAL B 148 10.00 13.80 0.76
CA VAL B 148 10.68 15.00 1.22
C VAL B 148 12.21 14.79 1.36
N ALA B 149 12.60 13.72 2.06
CA ALA B 149 14.04 13.47 2.28
C ALA B 149 14.76 13.20 0.95
N LYS B 150 14.14 12.36 0.12
CA LYS B 150 14.65 12.07 -1.20
C LYS B 150 14.89 13.35 -2.05
N TYR B 151 13.95 14.27 -2.03
CA TYR B 151 14.08 15.47 -2.84
C TYR B 151 15.09 16.47 -2.26
N ILE B 152 15.29 16.42 -0.94
CA ILE B 152 16.37 17.19 -0.33
C ILE B 152 17.70 16.66 -0.82
N LEU B 153 17.82 15.33 -0.84
CA LEU B 153 19.04 14.70 -1.29
C LEU B 153 19.28 14.95 -2.77
N GLU B 154 18.21 15.04 -3.54
CA GLU B 154 18.33 15.25 -4.98
C GLU B 154 18.51 16.72 -5.36
N GLY B 155 18.35 17.62 -4.39
CA GLY B 155 18.57 19.04 -4.63
C GLY B 155 17.38 19.84 -5.14
N THR B 156 16.25 19.18 -5.34
CA THR B 156 15.07 19.84 -5.91
C THR B 156 14.30 20.69 -4.90
N ILE B 157 14.56 20.48 -3.62
CA ILE B 157 14.13 21.39 -2.58
C ILE B 157 15.36 21.66 -1.72
N ASP B 158 15.30 22.66 -0.84
CA ASP B 158 16.47 23.08 -0.05
C ASP B 158 16.41 22.50 1.36
N CYS B 159 15.23 22.08 1.77
CA CYS B 159 14.98 21.55 3.11
C CYS B 159 13.54 21.07 3.12
N GLY B 160 13.10 20.44 4.21
CA GLY B 160 11.75 19.90 4.23
C GLY B 160 11.26 19.39 5.56
N ILE B 161 9.96 19.44 5.76
CA ILE B 161 9.37 18.94 7.00
C ILE B 161 9.49 17.42 7.08
N GLY B 162 9.88 16.91 8.24
CA GLY B 162 9.97 15.49 8.45
C GLY B 162 10.16 15.09 9.90
N ILE B 163 10.17 13.79 10.15
CA ILE B 163 10.32 13.27 11.49
C ILE B 163 11.75 12.78 11.66
N GLU B 164 12.31 12.98 12.85
CA GLU B 164 13.70 12.62 13.11
C GLU B 164 14.01 11.14 12.84
N CYS B 165 13.09 10.26 13.19
CA CYS B 165 13.40 8.85 13.15
C CYS B 165 13.17 8.25 11.77
N ILE B 166 12.62 9.02 10.85
CA ILE B 166 12.44 8.55 9.48
C ILE B 166 13.24 9.39 8.48
N GLN B 167 12.85 10.64 8.31
CA GLN B 167 13.50 11.51 7.33
C GLN B 167 14.94 11.83 7.67
N GLN B 168 15.21 12.22 8.92
CA GLN B 168 16.57 12.58 9.30
C GLN B 168 17.52 11.38 9.20
N VAL B 169 17.02 10.20 9.53
CA VAL B 169 17.81 8.97 9.37
C VAL B 169 18.18 8.74 7.90
N GLU B 170 17.23 8.94 6.99
CA GLU B 170 17.50 8.83 5.55
C GLU B 170 18.63 9.75 5.14
N LEU B 171 18.53 11.01 5.54
CA LEU B 171 19.59 12.00 5.27
C LEU B 171 20.95 11.54 5.84
N GLU B 172 20.94 11.13 7.11
CA GLU B 172 22.15 10.69 7.78
C GLU B 172 22.81 9.53 7.02
N GLU B 173 22.01 8.53 6.70
CA GLU B 173 22.55 7.36 6.03
C GLU B 173 23.04 7.69 4.62
N ALA B 174 22.32 8.57 3.93
CA ALA B 174 22.73 9.00 2.60
C ALA B 174 24.04 9.81 2.63
N LEU B 175 24.21 10.69 3.61
CA LEU B 175 25.46 11.43 3.76
C LEU B 175 26.64 10.47 3.90
N LYS B 176 26.54 9.57 4.87
CA LYS B 176 27.52 8.51 5.11
C LYS B 176 27.95 7.79 3.83
N GLU B 177 26.97 7.31 3.07
CA GLU B 177 27.22 6.61 1.82
C GLU B 177 28.03 7.45 0.84
N GLN B 178 27.91 8.77 0.95
CA GLN B 178 28.67 9.68 0.09
C GLN B 178 30.04 10.01 0.67
N GLY B 179 30.30 9.53 1.88
CA GLY B 179 31.55 9.82 2.56
C GLY B 179 31.49 11.20 3.21
N LYS B 180 30.27 11.63 3.52
CA LYS B 180 30.06 12.91 4.19
C LYS B 180 29.70 12.69 5.65
N ASP B 181 29.96 13.70 6.47
CA ASP B 181 29.61 13.67 7.87
C ASP B 181 28.09 13.61 8.07
N SER B 182 27.62 12.55 8.72
CA SER B 182 26.19 12.37 8.94
C SER B 182 25.60 13.48 9.82
N ASN B 183 26.44 14.15 10.59
CA ASN B 183 26.00 15.25 11.44
C ASN B 183 25.58 16.48 10.64
N ASP B 184 25.88 16.47 9.34
CA ASP B 184 25.44 17.53 8.44
C ASP B 184 23.91 17.53 8.29
N ALA B 185 23.29 16.42 8.70
CA ALA B 185 21.84 16.31 8.64
C ALA B 185 21.22 16.91 9.91
N LYS B 186 20.55 18.05 9.75
CA LYS B 186 20.09 18.78 10.91
C LYS B 186 18.63 19.15 10.78
N MET B 187 18.06 19.67 11.87
CA MET B 187 16.64 19.92 11.92
C MET B 187 16.32 21.17 12.75
N LEU B 188 15.50 22.06 12.19
CA LEU B 188 14.88 23.12 12.97
C LEU B 188 13.59 22.55 13.53
N ARG B 189 13.58 22.23 14.82
CA ARG B 189 12.41 21.64 15.47
C ARG B 189 11.18 22.56 15.41
N ILE B 190 10.06 22.04 14.92
CA ILE B 190 8.86 22.87 14.77
C ILE B 190 8.30 23.26 16.14
N ASP B 191 8.42 22.36 17.11
CA ASP B 191 7.93 22.65 18.45
C ASP B 191 8.75 23.78 19.08
N LYS B 192 10.06 23.78 18.84
CA LYS B 192 10.89 24.90 19.28
C LYS B 192 10.43 26.21 18.60
N LEU B 193 10.37 26.20 17.27
CA LEU B 193 10.00 27.38 16.48
C LEU B 193 8.66 27.98 16.89
N ALA B 194 7.70 27.11 17.20
CA ALA B 194 6.35 27.52 17.57
C ALA B 194 6.24 27.69 19.08
N GLU B 195 7.30 27.28 19.78
CA GLU B 195 7.39 27.37 21.24
C GLU B 195 6.29 26.57 21.92
N LEU B 196 6.26 25.27 21.66
CA LEU B 196 5.20 24.38 22.14
C LEU B 196 5.62 23.55 23.35
N GLY B 197 6.77 22.91 23.27
CA GLY B 197 7.27 22.10 24.37
C GLY B 197 7.32 20.61 24.05
N CYS B 198 6.55 20.21 23.05
CA CYS B 198 6.54 18.83 22.58
C CYS B 198 6.14 18.80 21.12
N CYS B 199 6.53 17.75 20.41
CA CYS B 199 6.07 17.54 19.05
C CYS B 199 4.82 16.69 19.06
N CYS B 200 3.98 16.89 20.08
CA CYS B 200 2.77 16.09 20.25
C CYS B 200 1.84 16.20 19.05
N PHE B 201 2.01 17.27 18.26
CA PHE B 201 1.19 17.47 17.08
C PHE B 201 1.41 16.37 16.04
N CYS B 202 2.54 15.67 16.17
CA CYS B 202 2.87 14.57 15.26
C CYS B 202 2.86 13.17 15.90
N THR B 203 2.27 13.05 17.08
CA THR B 203 1.95 11.73 17.63
C THR B 203 1.06 10.98 16.64
N ILE B 204 1.50 9.81 16.21
CA ILE B 204 0.75 9.00 15.29
C ILE B 204 -0.27 8.19 16.09
N LEU B 205 -1.54 8.27 15.69
CA LEU B 205 -2.62 7.69 16.47
C LEU B 205 -3.39 6.64 15.69
N TYR B 206 -3.97 5.70 16.43
CA TYR B 206 -4.97 4.80 15.90
C TYR B 206 -6.27 5.57 15.82
N ILE B 207 -6.87 5.64 14.64
CA ILE B 207 -8.14 6.30 14.49
C ILE B 207 -9.20 5.36 13.92
N ALA B 208 -10.45 5.77 14.07
CA ALA B 208 -11.56 5.01 13.51
C ALA B 208 -12.72 5.94 13.20
N ASN B 209 -13.50 5.55 12.21
CA ASN B 209 -14.72 6.24 11.86
C ASN B 209 -15.71 6.16 13.04
N ASP B 210 -16.45 7.24 13.30
CA ASP B 210 -17.36 7.27 14.46
C ASP B 210 -18.50 6.26 14.41
N LYS B 211 -19.09 6.09 13.23
CA LYS B 211 -20.18 5.13 13.09
C LYS B 211 -19.67 3.70 13.24
N PHE B 212 -18.50 3.41 12.67
CA PHE B 212 -17.89 2.10 12.83
C PHE B 212 -17.66 1.81 14.32
N ILE B 213 -17.23 2.81 15.06
CA ILE B 213 -17.04 2.66 16.50
C ILE B 213 -18.35 2.35 17.22
N ALA B 214 -19.38 3.16 16.96
CA ALA B 214 -20.67 3.01 17.60
C ALA B 214 -21.33 1.68 17.22
N GLU B 215 -20.96 1.14 16.07
CA GLU B 215 -21.62 -0.09 15.59
C GLU B 215 -20.78 -1.36 15.80
N ASN B 216 -19.50 -1.19 16.09
CA ASN B 216 -18.65 -2.34 16.38
C ASN B 216 -17.78 -2.13 17.61
N PRO B 217 -18.42 -1.86 18.76
CA PRO B 217 -17.62 -1.53 19.96
C PRO B 217 -16.72 -2.67 20.41
N GLN B 218 -17.18 -3.92 20.26
CA GLN B 218 -16.36 -5.07 20.65
C GLN B 218 -15.18 -5.27 19.69
N ALA B 219 -15.42 -5.08 18.40
CA ALA B 219 -14.36 -5.22 17.41
C ALA B 219 -13.22 -4.25 17.68
N VAL B 220 -13.56 -3.01 18.01
CA VAL B 220 -12.59 -1.98 18.35
C VAL B 220 -11.75 -2.39 19.57
N LYS B 221 -12.43 -2.83 20.62
CA LYS B 221 -11.77 -3.27 21.86
C LYS B 221 -10.88 -4.47 21.62
N LYS B 222 -11.36 -5.42 20.83
CA LYS B 222 -10.61 -6.61 20.51
C LYS B 222 -9.41 -6.30 19.60
N PHE B 223 -9.61 -5.38 18.67
CA PHE B 223 -8.51 -4.89 17.84
C PHE B 223 -7.37 -4.32 18.69
N LEU B 224 -7.70 -3.53 19.71
CA LEU B 224 -6.69 -2.91 20.55
C LEU B 224 -6.02 -3.90 21.49
N LYS B 225 -6.75 -4.93 21.91
CA LYS B 225 -6.12 -6.05 22.65
C LYS B 225 -5.01 -6.69 21.82
N ALA B 226 -5.30 -6.99 20.56
CA ALA B 226 -4.33 -7.62 19.67
C ALA B 226 -3.13 -6.71 19.36
N ILE B 227 -3.40 -5.42 19.20
CA ILE B 227 -2.33 -4.45 18.98
C ILE B 227 -1.43 -4.38 20.21
N LYS B 228 -2.06 -4.30 21.37
CA LYS B 228 -1.37 -4.25 22.64
C LYS B 228 -0.47 -5.48 22.86
N ARG B 229 -0.96 -6.65 22.47
CA ARG B 229 -0.22 -7.92 22.60
C ARG B 229 1.01 -7.93 21.67
N ALA B 230 0.84 -7.43 20.45
CA ALA B 230 1.94 -7.30 19.51
C ALA B 230 2.91 -6.22 19.95
N THR B 231 2.40 -5.16 20.55
CA THR B 231 3.24 -4.07 21.03
C THR B 231 4.10 -4.49 22.21
N ASP B 232 3.47 -5.18 23.17
CA ASP B 232 4.19 -5.81 24.29
C ASP B 232 5.27 -6.78 23.78
N TYR B 233 4.91 -7.65 22.86
CA TYR B 233 5.89 -8.59 22.29
C TYR B 233 7.05 -7.87 21.59
N MET B 234 6.74 -6.94 20.69
CA MET B 234 7.79 -6.21 19.96
C MET B 234 8.75 -5.47 20.93
N LEU B 235 8.21 -4.81 21.94
CA LEU B 235 9.06 -4.09 22.89
C LEU B 235 9.99 -5.02 23.69
N ALA B 236 9.52 -6.21 24.04
CA ALA B 236 10.34 -7.16 24.79
C ALA B 236 11.31 -7.95 23.91
N HIS B 237 10.95 -8.16 22.64
CA HIS B 237 11.84 -8.87 21.72
C HIS B 237 12.02 -8.09 20.40
N PRO B 238 12.62 -6.90 20.46
CA PRO B 238 12.71 -6.04 19.27
C PRO B 238 13.39 -6.71 18.07
N ARG B 239 14.52 -7.36 18.30
CA ARG B 239 15.30 -7.96 17.21
C ARG B 239 14.53 -9.04 16.49
N GLU B 240 13.87 -9.90 17.26
CA GLU B 240 13.12 -11.01 16.72
C GLU B 240 11.84 -10.52 16.04
N ALA B 241 11.11 -9.60 16.67
CA ALA B 241 9.92 -8.99 16.06
C ALA B 241 10.29 -8.33 14.74
N TRP B 242 11.38 -7.56 14.74
CA TRP B 242 11.78 -6.82 13.55
C TRP B 242 12.07 -7.77 12.40
N ALA B 243 12.79 -8.86 12.70
CA ALA B 243 13.05 -9.92 11.74
C ALA B 243 11.76 -10.57 11.23
N GLU B 244 10.79 -10.78 12.12
CA GLU B 244 9.49 -11.29 11.69
C GLU B 244 8.83 -10.33 10.71
N TYR B 245 8.85 -9.05 11.04
CA TYR B 245 8.25 -8.02 10.21
C TYR B 245 8.87 -8.01 8.81
N GLY B 246 10.20 -7.94 8.73
CA GLY B 246 10.90 -8.01 7.46
C GLY B 246 10.71 -9.28 6.63
N ASN B 247 10.50 -10.41 7.27
CA ASN B 247 10.28 -11.66 6.53
C ASN B 247 9.00 -11.54 5.71
N PHE B 248 8.03 -10.80 6.27
CA PHE B 248 6.76 -10.57 5.62
C PHE B 248 6.80 -9.39 4.62
N LYS B 249 7.41 -8.29 5.04
CA LYS B 249 7.60 -7.12 4.18
C LYS B 249 9.10 -6.90 4.00
N PRO B 250 9.67 -7.47 2.93
CA PRO B 250 11.13 -7.51 2.76
C PRO B 250 11.80 -6.13 2.67
N THR B 251 11.05 -5.08 2.37
CA THR B 251 11.62 -3.73 2.33
C THR B 251 12.16 -3.35 3.70
N MET B 252 11.61 -3.96 4.75
CA MET B 252 12.01 -3.66 6.11
C MET B 252 13.32 -4.34 6.48
N GLN B 253 13.80 -5.24 5.62
CA GLN B 253 15.05 -5.96 5.88
C GLN B 253 16.32 -5.18 5.51
N THR B 254 16.18 -3.99 4.94
CA THR B 254 17.34 -3.17 4.61
C THR B 254 18.01 -2.61 5.86
N ASP B 255 19.30 -2.25 5.72
CA ASP B 255 20.02 -1.58 6.78
C ASP B 255 19.36 -0.24 7.13
N LEU B 256 18.94 0.49 6.09
CA LEU B 256 18.28 1.78 6.28
C LEU B 256 17.02 1.70 7.16
N ASN B 257 16.14 0.74 6.89
CA ASN B 257 14.93 0.60 7.71
C ASN B 257 15.22 0.05 9.10
N THR B 258 16.31 -0.71 9.20
CA THR B 258 16.74 -1.24 10.49
C THR B 258 17.21 -0.09 11.39
N LYS B 259 18.02 0.81 10.83
CA LYS B 259 18.42 2.05 11.52
C LYS B 259 17.20 2.87 11.94
N LYS B 260 16.23 3.03 11.04
CA LYS B 260 15.03 3.79 11.37
C LYS B 260 14.29 3.15 12.54
N PHE B 261 14.18 1.82 12.52
CA PHE B 261 13.42 1.14 13.56
C PHE B 261 14.08 1.36 14.91
N GLN B 262 15.41 1.31 14.94
CA GLN B 262 16.14 1.53 16.17
C GLN B 262 15.86 2.94 16.71
N ARG B 263 15.68 3.88 15.80
CA ARG B 263 15.39 5.27 16.19
C ARG B 263 13.92 5.45 16.57
N CYS B 264 13.03 4.68 15.95
CA CYS B 264 11.62 4.71 16.30
C CYS B 264 11.36 4.08 17.65
N TYR B 265 12.18 3.09 18.01
CA TYR B 265 11.92 2.26 19.17
C TYR B 265 11.55 3.03 20.46
N ALA B 266 12.28 4.10 20.76
CA ALA B 266 12.03 4.81 22.01
C ALA B 266 10.71 5.60 22.01
N TYR B 267 10.14 5.82 20.82
CA TYR B 267 8.93 6.64 20.70
C TYR B 267 7.62 5.84 20.79
N PHE B 268 7.69 4.52 20.60
CA PHE B 268 6.50 3.68 20.67
C PHE B 268 5.76 3.87 21.99
N SER B 269 4.47 4.14 21.91
CA SER B 269 3.64 4.14 23.11
C SER B 269 3.53 2.71 23.64
N GLU B 270 3.82 2.54 24.92
CA GLU B 270 3.76 1.22 25.54
C GLU B 270 2.32 0.85 25.91
N SER B 271 1.56 1.85 26.35
CA SER B 271 0.21 1.64 26.87
C SER B 271 -0.91 1.92 25.86
N LEU B 272 -0.56 2.53 24.72
CA LEU B 272 -1.51 2.94 23.68
C LEU B 272 -2.46 4.06 24.12
N TYR B 273 -2.29 4.58 25.33
CA TYR B 273 -3.22 5.58 25.85
C TYR B 273 -3.06 6.93 25.16
N ASN B 274 -4.19 7.58 24.91
CA ASN B 274 -4.19 8.98 24.51
C ASN B 274 -3.74 9.82 25.69
N VAL B 275 -2.67 10.59 25.54
CA VAL B 275 -2.18 11.46 26.60
C VAL B 275 -2.96 12.78 26.63
N HIS B 276 -3.71 13.00 27.72
CA HIS B 276 -4.65 14.13 27.80
C HIS B 276 -4.01 15.50 27.62
N ARG B 277 -2.84 15.71 28.24
CA ARG B 277 -2.15 17.00 28.18
C ARG B 277 -1.67 17.27 26.77
N ASP B 278 -1.25 16.22 26.07
CA ASP B 278 -0.80 16.36 24.70
C ASP B 278 -1.93 16.83 23.78
N TRP B 279 -3.12 16.30 24.02
CA TRP B 279 -4.28 16.66 23.19
C TRP B 279 -4.71 18.10 23.46
N ARG B 280 -4.69 18.49 24.73
CA ARG B 280 -5.03 19.85 25.11
C ARG B 280 -4.10 20.86 24.44
N LYS B 281 -2.81 20.59 24.48
CA LYS B 281 -1.81 21.50 23.93
C LYS B 281 -1.87 21.61 22.41
N VAL B 282 -2.12 20.50 21.72
CA VAL B 282 -2.25 20.52 20.26
C VAL B 282 -3.59 21.12 19.82
N ASN B 283 -4.64 20.89 20.62
CA ASN B 283 -5.92 21.53 20.37
C ASN B 283 -5.75 23.06 20.34
N ASN B 284 -5.05 23.60 21.32
CA ASN B 284 -4.78 25.03 21.37
C ASN B 284 -3.91 25.47 20.19
N TYR B 285 -2.94 24.63 19.83
CA TYR B 285 -2.12 24.91 18.66
C TYR B 285 -2.96 24.97 17.38
N GLY B 286 -3.89 24.02 17.25
CA GLY B 286 -4.78 23.99 16.10
C GLY B 286 -5.64 25.24 15.98
N LYS B 287 -6.19 25.69 17.09
CA LYS B 287 -6.94 26.94 17.10
C LYS B 287 -6.06 28.11 16.65
N ARG B 288 -4.84 28.14 17.17
CA ARG B 288 -3.86 29.19 16.82
C ARG B 288 -3.61 29.18 15.31
N LEU B 289 -3.61 27.99 14.72
CA LEU B 289 -3.38 27.85 13.29
C LEU B 289 -4.63 28.14 12.46
N ASP B 290 -5.72 28.47 13.14
CA ASP B 290 -7.03 28.68 12.50
C ASP B 290 -7.52 27.48 11.68
N ILE B 291 -7.21 26.26 12.14
CA ILE B 291 -7.73 25.08 11.45
C ILE B 291 -8.73 24.35 12.35
N LEU B 292 -8.87 24.84 13.59
CA LEU B 292 -9.83 24.32 14.54
C LEU B 292 -10.63 25.49 15.08
N PRO B 293 -11.94 25.32 15.20
CA PRO B 293 -12.79 26.40 15.71
C PRO B 293 -12.47 26.70 17.18
N GLU B 294 -12.74 27.92 17.61
CA GLU B 294 -12.44 28.40 18.97
C GLU B 294 -12.83 27.47 20.12
N ASN B 295 -13.99 26.84 20.03
CA ASN B 295 -14.47 26.01 21.14
C ASN B 295 -14.44 24.50 20.84
N TYR B 296 -13.55 24.11 19.93
CA TYR B 296 -13.40 22.73 19.49
C TYR B 296 -13.00 21.76 20.61
N VAL B 297 -13.64 20.59 20.61
CA VAL B 297 -13.37 19.54 21.59
C VAL B 297 -12.53 18.44 20.95
N PRO B 298 -11.42 18.04 21.60
CA PRO B 298 -10.54 17.01 21.02
C PRO B 298 -11.26 15.68 20.79
N ASN B 299 -11.06 15.10 19.61
CA ASN B 299 -11.76 13.90 19.21
C ASN B 299 -10.97 12.63 19.52
N TYR B 300 -10.96 12.23 20.79
CA TYR B 300 -10.30 10.98 21.20
C TYR B 300 -11.03 10.29 22.35
N THR B 301 -10.67 9.04 22.58
CA THR B 301 -11.20 8.29 23.72
C THR B 301 -10.29 7.17 24.14
N ASN B 302 -10.26 6.89 25.44
CA ASN B 302 -9.48 5.79 25.98
C ASN B 302 -10.37 4.62 26.43
N GLU B 303 -11.67 4.69 26.11
CA GLU B 303 -12.61 3.73 26.68
C GLU B 303 -12.52 2.33 26.06
N TYR B 304 -11.85 2.21 24.92
CA TYR B 304 -11.73 0.91 24.28
C TYR B 304 -10.42 0.21 24.64
N LEU B 305 -9.68 0.83 25.56
CA LEU B 305 -8.46 0.23 26.10
C LEU B 305 -8.78 -0.50 27.39
N SER B 306 -8.43 -1.79 27.45
CA SER B 306 -8.83 -2.65 28.57
C SER B 306 -7.68 -3.07 29.48
N TRP B 307 -6.84 -2.11 29.87
CA TRP B 307 -5.80 -2.31 30.86
C TRP B 307 -5.60 -0.95 31.53
N PRO B 308 -5.10 -0.93 32.77
CA PRO B 308 -4.97 0.32 33.53
C PRO B 308 -4.19 1.41 32.82
N GLU B 309 -4.73 2.63 32.92
CA GLU B 309 -4.08 3.84 32.47
C GLU B 309 -2.87 4.13 33.34
N PRO B 310 -1.70 4.31 32.72
CA PRO B 310 -0.44 4.52 33.45
C PRO B 310 -0.44 5.81 34.29
#